data_2V62
#
_entry.id   2V62
#
_cell.length_a   70.655
_cell.length_b   157.532
_cell.length_c   56.288
_cell.angle_alpha   90.00
_cell.angle_beta   90.00
_cell.angle_gamma   90.00
#
_symmetry.space_group_name_H-M   'P 21 21 2'
#
loop_
_entity.id
_entity.type
_entity.pdbx_description
1 polymer 'SERINE/THREONINE-PROTEIN KINASE VRK2'
2 non-polymer 'MAGNESIUM ION'
3 non-polymer 'SUCCINIC ACID'
4 non-polymer 1,2-ETHANEDIOL
5 water water
#
_entity_poly.entity_id   1
_entity_poly.type   'polypeptide(L)'
_entity_poly.pdbx_seq_one_letter_code
;MHHHHHHSSGVDLGTENLYFQSMPFPEGKVLDDMEGNQWVLGKKIGSGGFGLIYLAFPTNKPEKDARHVVKVEYQENGPL
FSELKFYQRVAKKDCIKKWIERKQLDYLGIPLFYGSGLTEFKGRSYRFMVMERLGIDLQKISGQNGTFKKSTVLQLGIRM
LDVLEYIHENEYVHGDIKAANLLLGYKNPDQVYLADYGLSYRYCPNGNHKQYQENPRKGHNGTIEFTSLDAHKGVALSRR
SDVEILGYCMLRWLCGKLPWEQNLKDPVAVQTAKTNLLDELPQSVLKWAPSGSSCCEIAQFLVCAHSLAYDEKPNYQALK
KILNPHGIPLGPLDFSTKGQSINVH
;
_entity_poly.pdbx_strand_id   A,B
#
loop_
_chem_comp.id
_chem_comp.type
_chem_comp.name
_chem_comp.formula
EDO non-polymer 1,2-ETHANEDIOL 'C2 H6 O2'
MG non-polymer 'MAGNESIUM ION' 'Mg 2'
SIN non-polymer 'SUCCINIC ACID' 'C4 H6 O4'
#
# COMPACT_ATOMS: atom_id res chain seq x y z
N PHE A 25 -4.18 49.05 3.62
CA PHE A 25 -3.94 49.57 5.00
C PHE A 25 -2.79 50.57 5.04
N PRO A 26 -2.99 51.72 5.72
CA PRO A 26 -1.92 52.71 5.78
C PRO A 26 -0.78 52.28 6.71
N GLU A 27 0.46 52.63 6.33
CA GLU A 27 1.64 52.50 7.20
C GLU A 27 1.45 53.42 8.40
N GLY A 28 1.75 52.91 9.60
CA GLY A 28 1.52 53.66 10.84
C GLY A 28 0.30 53.18 11.61
N LYS A 29 -0.60 52.45 10.95
CA LYS A 29 -1.77 51.90 11.61
C LYS A 29 -1.36 50.95 12.72
N VAL A 30 -1.91 51.17 13.93
CA VAL A 30 -1.63 50.34 15.08
C VAL A 30 -2.67 49.26 15.20
N LEU A 31 -2.19 48.02 15.33
CA LEU A 31 -3.03 46.86 15.52
C LEU A 31 -2.86 46.38 16.96
N ASP A 32 -3.93 45.86 17.51
CA ASP A 32 -3.99 45.31 18.84
C ASP A 32 -4.25 43.81 18.73
N ASP A 33 -3.33 43.01 19.25
CA ASP A 33 -3.50 41.56 19.19
C ASP A 33 -4.27 41.11 20.41
N MET A 34 -4.68 39.84 20.42
CA MET A 34 -5.48 39.30 21.50
C MET A 34 -4.80 39.30 22.85
N GLU A 35 -3.47 39.20 22.85
CA GLU A 35 -2.75 39.18 24.09
C GLU A 35 -2.73 40.59 24.68
N GLY A 36 -2.92 41.58 23.81
CA GLY A 36 -2.95 42.98 24.20
C GLY A 36 -1.66 43.69 23.79
N ASN A 37 -0.79 43.04 23.03
CA ASN A 37 0.36 43.74 22.44
C ASN A 37 -0.11 44.60 21.29
N GLN A 38 0.60 45.70 21.08
CA GLN A 38 0.30 46.63 20.02
C GLN A 38 1.39 46.58 18.95
N TRP A 39 0.97 46.66 17.70
CA TRP A 39 1.88 46.56 16.56
C TRP A 39 1.61 47.67 15.59
N VAL A 40 2.66 48.24 15.02
CA VAL A 40 2.50 49.31 14.04
C VAL A 40 2.90 48.75 12.68
N LEU A 41 1.99 48.89 11.72
CA LEU A 41 2.19 48.45 10.34
C LEU A 41 3.25 49.27 9.63
N GLY A 42 4.12 48.56 8.91
CA GLY A 42 5.10 49.19 8.04
C GLY A 42 4.65 49.07 6.59
N LYS A 43 5.60 49.12 5.67
CA LYS A 43 5.30 49.04 4.25
C LYS A 43 4.86 47.62 3.80
N LYS A 44 3.94 47.55 2.85
CA LYS A 44 3.56 46.28 2.22
C LYS A 44 4.77 45.66 1.52
N ILE A 45 4.83 44.33 1.50
CA ILE A 45 5.86 43.59 0.75
C ILE A 45 5.18 42.76 -0.34
N LEU A 52 -2.33 40.19 1.86
CA LEU A 52 -1.30 41.20 2.09
C LEU A 52 -0.37 40.86 3.29
N ILE A 53 0.92 41.13 3.09
CA ILE A 53 1.94 40.99 4.12
C ILE A 53 2.65 42.34 4.28
N TYR A 54 2.79 42.77 5.54
CA TYR A 54 3.43 44.04 5.85
C TYR A 54 4.52 43.84 6.86
N LEU A 55 5.52 44.72 6.83
CA LEU A 55 6.47 44.79 7.93
C LEU A 55 5.68 45.24 9.16
N ALA A 56 6.09 44.78 10.33
CA ALA A 56 5.45 45.19 11.57
C ALA A 56 6.52 45.56 12.58
N PHE A 57 6.20 46.53 13.44
CA PHE A 57 7.09 46.90 14.54
C PHE A 57 6.27 46.86 15.83
N PRO A 58 6.89 46.39 16.92
CA PRO A 58 6.25 46.56 18.22
C PRO A 58 6.29 48.05 18.59
N THR A 59 5.22 48.54 19.22
CA THR A 59 5.15 49.95 19.59
C THR A 59 6.12 50.29 20.74
N ASN A 60 6.56 49.27 21.46
CA ASN A 60 7.57 49.42 22.53
C ASN A 60 9.04 49.57 22.04
N LYS A 61 9.49 48.72 21.12
CA LYS A 61 10.87 48.74 20.61
C LYS A 61 11.02 49.73 19.44
N PRO A 62 12.28 50.06 19.04
CA PRO A 62 12.53 50.93 17.87
C PRO A 62 12.64 50.19 16.51
N GLU A 63 12.34 50.91 15.42
CA GLU A 63 12.20 50.35 14.06
C GLU A 63 13.45 49.59 13.55
N LYS A 64 14.60 50.04 14.02
CA LYS A 64 15.90 49.44 13.75
C LYS A 64 15.85 47.95 13.99
N ASP A 65 15.16 47.57 15.06
CA ASP A 65 15.05 46.19 15.45
C ASP A 65 13.75 45.51 14.89
N ALA A 66 13.53 45.61 13.56
CA ALA A 66 12.27 45.11 12.92
C ALA A 66 12.37 43.65 12.45
N ARG A 67 11.87 42.72 13.26
CA ARG A 67 12.05 41.32 13.00
C ARG A 67 10.72 40.62 12.78
N HIS A 68 9.70 41.40 12.36
CA HIS A 68 8.30 40.93 12.30
C HIS A 68 7.59 41.31 11.02
N VAL A 69 6.58 40.51 10.67
CA VAL A 69 5.71 40.89 9.57
C VAL A 69 4.34 40.64 10.03
N VAL A 70 3.36 41.32 9.45
CA VAL A 70 1.97 41.04 9.78
C VAL A 70 1.26 40.61 8.50
N LYS A 71 0.52 39.52 8.60
CA LYS A 71 -0.26 38.99 7.50
C LYS A 71 -1.73 39.33 7.71
N VAL A 72 -2.37 39.95 6.73
CA VAL A 72 -3.75 40.44 6.87
C VAL A 72 -4.66 39.86 5.79
N GLU A 73 -5.85 39.40 6.20
CA GLU A 73 -6.93 38.91 5.32
C GLU A 73 -8.25 39.30 5.99
N TYR A 74 -9.36 39.36 5.23
CA TYR A 74 -10.70 39.48 5.84
C TYR A 74 -10.99 38.30 6.78
N GLN A 75 -12.16 38.29 7.44
CA GLN A 75 -12.63 37.09 8.15
C GLN A 75 -13.36 36.11 7.20
N GLU A 76 -13.04 36.17 5.90
CA GLU A 76 -13.69 35.34 4.89
C GLU A 76 -13.00 33.97 4.80
N GLY A 78 -10.39 32.42 5.89
CA GLY A 78 -10.32 31.09 5.28
C GLY A 78 -8.95 30.42 5.42
N PRO A 79 -8.07 30.60 4.43
CA PRO A 79 -6.67 30.13 4.57
C PRO A 79 -5.82 30.81 5.66
N LEU A 80 -6.05 32.09 5.94
CA LEU A 80 -5.38 32.74 7.06
C LEU A 80 -5.85 32.15 8.39
N PHE A 81 -7.13 31.86 8.53
CA PHE A 81 -7.63 31.26 9.76
C PHE A 81 -7.11 29.85 9.92
N SER A 82 -6.98 29.12 8.80
CA SER A 82 -6.30 27.85 8.77
C SER A 82 -4.84 28.00 9.20
N GLU A 83 -4.11 28.97 8.67
CA GLU A 83 -2.75 29.21 9.14
C GLU A 83 -2.73 29.61 10.60
N LEU A 84 -3.66 30.48 11.00
CA LEU A 84 -3.74 30.90 12.42
C LEU A 84 -3.88 29.75 13.43
N LYS A 85 -4.79 28.79 13.19
CA LYS A 85 -4.89 27.63 14.06
C LYS A 85 -3.57 26.88 14.10
N PHE A 86 -2.92 26.66 12.96
CA PHE A 86 -1.61 26.02 13.00
C PHE A 86 -0.52 26.74 13.89
N TYR A 87 -0.33 28.02 13.62
CA TYR A 87 0.74 28.83 14.22
C TYR A 87 0.48 29.00 15.68
N GLN A 88 -0.77 29.22 16.08
CA GLN A 88 -1.10 29.33 17.50
C GLN A 88 -0.85 28.05 18.25
N ARG A 89 -1.14 26.90 17.62
CA ARG A 89 -1.05 25.62 18.33
C ARG A 89 0.35 25.06 18.28
N VAL A 90 1.10 25.36 17.23
CA VAL A 90 2.38 24.69 16.99
C VAL A 90 3.62 25.57 17.09
N ALA A 91 3.54 26.83 16.67
CA ALA A 91 4.73 27.69 16.52
C ALA A 91 5.02 28.51 17.77
N LYS A 92 5.11 27.76 18.88
CA LYS A 92 5.39 28.28 20.21
C LYS A 92 6.89 28.29 20.49
N LYS A 93 7.43 29.47 20.81
CA LYS A 93 8.88 29.65 20.95
C LYS A 93 9.51 28.67 21.92
N ASP A 94 8.92 28.54 23.10
CA ASP A 94 9.55 27.75 24.17
C ASP A 94 9.59 26.25 23.88
N CYS A 95 8.50 25.73 23.35
CA CYS A 95 8.47 24.32 22.96
C CYS A 95 9.43 24.02 21.80
N ILE A 96 9.44 24.89 20.81
CA ILE A 96 10.36 24.77 19.69
C ILE A 96 11.81 24.81 20.19
N LYS A 97 12.11 25.73 21.10
CA LYS A 97 13.44 25.82 21.75
C LYS A 97 13.85 24.52 22.42
N LYS A 98 12.96 23.94 23.22
CA LYS A 98 13.24 22.72 23.97
C LYS A 98 13.40 21.50 23.06
N TRP A 99 12.63 21.48 21.99
CA TRP A 99 12.70 20.43 21.00
C TRP A 99 14.04 20.47 20.26
N ILE A 100 14.41 21.67 19.83
CA ILE A 100 15.71 21.93 19.19
C ILE A 100 16.88 21.50 20.08
N GLU A 101 16.85 21.85 21.36
CA GLU A 101 17.91 21.43 22.32
C GLU A 101 17.98 19.91 22.46
N ARG A 102 16.84 19.30 22.76
CA ARG A 102 16.76 17.85 22.90
C ARG A 102 17.14 17.05 21.72
N LYS A 103 16.74 17.50 20.54
CA LYS A 103 16.98 16.75 19.30
C LYS A 103 18.28 17.15 18.60
N GLN A 104 19.03 18.08 19.20
CA GLN A 104 20.35 18.54 18.73
C GLN A 104 20.31 19.08 17.29
N LEU A 105 19.32 19.95 17.04
CA LEU A 105 19.13 20.60 15.76
C LEU A 105 19.84 21.94 15.80
N ASP A 106 20.49 22.35 14.74
CA ASP A 106 20.96 23.73 14.70
C ASP A 106 19.80 24.72 14.65
N TYR A 107 18.69 24.35 14.02
CA TYR A 107 17.50 25.17 13.98
C TYR A 107 16.33 24.31 13.52
N LEU A 108 15.12 24.87 13.61
CA LEU A 108 13.94 24.26 13.02
C LEU A 108 13.23 25.28 12.15
N GLY A 109 13.02 24.93 10.88
CA GLY A 109 12.41 25.80 9.87
C GLY A 109 10.93 26.06 10.02
N ILE A 110 10.50 26.42 11.23
CA ILE A 110 9.13 26.88 11.46
C ILE A 110 9.21 28.36 11.86
N PRO A 111 8.56 29.25 11.10
CA PRO A 111 8.54 30.65 11.53
C PRO A 111 7.82 30.83 12.88
N LEU A 112 8.37 31.66 13.76
CA LEU A 112 7.74 31.91 15.05
C LEU A 112 6.52 32.83 14.96
N PHE A 113 5.51 32.52 15.78
CA PHE A 113 4.25 33.25 15.84
C PHE A 113 4.36 34.19 17.04
N TYR A 114 3.86 35.43 16.87
CA TYR A 114 3.92 36.45 17.92
C TYR A 114 2.57 36.91 18.45
N GLY A 115 1.51 36.78 17.66
CA GLY A 115 0.20 37.23 18.03
C GLY A 115 -0.74 37.39 16.86
N SER A 116 -1.98 37.67 17.15
CA SER A 116 -3.00 37.75 16.13
C SER A 116 -4.21 38.43 16.67
N GLY A 117 -5.06 38.93 15.81
CA GLY A 117 -6.37 39.40 16.29
C GLY A 117 -7.10 39.97 15.12
N LEU A 118 -7.95 40.97 15.39
CA LEU A 118 -8.75 41.61 14.39
C LEU A 118 -8.45 43.08 14.35
N THR A 119 -8.61 43.69 13.18
CA THR A 119 -8.58 45.15 13.04
C THR A 119 -9.74 45.57 12.15
N GLU A 120 -10.25 46.78 12.32
CA GLU A 120 -11.34 47.34 11.50
C GLU A 120 -10.78 48.31 10.45
N PHE A 121 -11.28 48.23 9.21
CA PHE A 121 -10.77 49.06 8.10
C PHE A 121 -11.79 50.11 7.65
N LYS A 122 -13.01 49.68 7.40
CA LYS A 122 -14.15 50.59 7.21
C LYS A 122 -15.25 50.13 8.17
N GLY A 123 -16.24 49.41 7.64
CA GLY A 123 -17.16 48.62 8.46
C GLY A 123 -16.66 47.20 8.61
N ARG A 124 -15.72 46.80 7.74
CA ARG A 124 -15.27 45.41 7.65
C ARG A 124 -14.14 45.07 8.63
N SER A 125 -14.23 43.87 9.20
CA SER A 125 -13.19 43.33 10.09
C SER A 125 -12.18 42.51 9.31
N TYR A 126 -10.91 42.69 9.67
CA TYR A 126 -9.84 41.91 9.10
C TYR A 126 -9.13 41.12 10.19
N ARG A 127 -8.75 39.90 9.87
CA ARG A 127 -7.97 39.08 10.74
C ARG A 127 -6.50 39.34 10.42
N PHE A 128 -5.63 39.34 11.42
CA PHE A 128 -4.21 39.52 11.16
C PHE A 128 -3.40 38.62 12.05
N MET A 129 -2.17 38.37 11.61
CA MET A 129 -1.27 37.45 12.28
C MET A 129 0.11 38.04 12.23
N VAL A 130 0.75 38.15 13.39
CA VAL A 130 2.14 38.63 13.48
C VAL A 130 3.07 37.43 13.57
N MET A 131 3.97 37.39 12.61
CA MET A 131 4.93 36.32 12.48
C MET A 131 6.35 36.87 12.37
N GLU A 132 7.32 35.99 12.57
CA GLU A 132 8.73 36.27 12.25
C GLU A 132 8.89 36.70 10.76
N ARG A 133 9.65 37.76 10.49
CA ARG A 133 10.01 38.17 9.13
C ARG A 133 10.99 37.14 8.52
N LEU A 134 10.77 36.79 7.26
CA LEU A 134 11.64 35.85 6.56
C LEU A 134 12.06 36.47 5.23
N GLY A 135 12.94 35.78 4.52
CA GLY A 135 13.48 36.26 3.27
C GLY A 135 12.81 35.68 2.04
N ILE A 136 13.58 35.57 0.97
CA ILE A 136 13.09 35.21 -0.35
C ILE A 136 12.67 33.73 -0.39
N ASP A 137 11.65 33.41 -1.22
CA ASP A 137 11.28 32.03 -1.46
C ASP A 137 12.24 31.37 -2.47
N LEU A 138 12.26 30.04 -2.41
CA LEU A 138 13.19 29.22 -3.20
C LEU A 138 12.83 29.12 -4.67
N GLN A 139 11.54 29.24 -4.98
CA GLN A 139 11.13 29.28 -6.37
C GLN A 139 11.79 30.48 -7.05
N LYS A 140 11.83 31.64 -6.35
CA LYS A 140 12.47 32.84 -6.91
C LYS A 140 13.97 32.66 -7.14
N ILE A 141 14.63 31.89 -6.27
CA ILE A 141 16.08 31.76 -6.32
C ILE A 141 16.58 30.46 -6.94
N SER A 142 15.69 29.72 -7.60
CA SER A 142 16.05 28.42 -8.18
C SER A 142 16.86 28.59 -9.45
N GLY A 143 17.73 27.62 -9.73
CA GLY A 143 18.54 27.61 -10.95
C GLY A 143 17.75 27.16 -12.16
N GLN A 144 18.48 26.88 -13.25
CA GLN A 144 17.90 26.43 -14.54
C GLN A 144 16.75 25.42 -14.38
N ASN A 145 15.58 25.76 -14.91
CA ASN A 145 14.41 24.88 -14.88
C ASN A 145 14.02 24.49 -13.46
N GLY A 146 14.00 25.47 -12.55
CA GLY A 146 13.57 25.24 -11.17
C GLY A 146 14.34 24.16 -10.43
N THR A 147 15.63 24.05 -10.73
CA THR A 147 16.49 23.04 -10.12
C THR A 147 17.38 23.60 -9.01
N PHE A 148 17.91 22.68 -8.19
CA PHE A 148 19.00 22.97 -7.28
C PHE A 148 20.09 21.90 -7.35
N LYS A 149 21.29 22.26 -6.91
CA LYS A 149 22.41 21.33 -6.80
C LYS A 149 21.99 20.16 -5.92
N LYS A 150 22.45 18.96 -6.24
CA LYS A 150 22.05 17.75 -5.51
C LYS A 150 22.27 17.83 -3.99
N SER A 151 23.41 18.33 -3.56
CA SER A 151 23.66 18.47 -2.13
C SER A 151 22.60 19.38 -1.45
N THR A 152 22.17 20.40 -2.17
CA THR A 152 21.21 21.38 -1.68
C THR A 152 19.83 20.69 -1.61
N VAL A 153 19.50 19.92 -2.64
CA VAL A 153 18.23 19.20 -2.67
C VAL A 153 18.13 18.26 -1.47
N LEU A 154 19.23 17.55 -1.20
CA LEU A 154 19.21 16.57 -0.16
C LEU A 154 19.16 17.26 1.21
N GLN A 155 19.91 18.35 1.40
CA GLN A 155 19.80 19.13 2.63
C GLN A 155 18.40 19.71 2.84
N LEU A 156 17.78 20.23 1.77
CA LEU A 156 16.45 20.79 1.91
C LEU A 156 15.47 19.72 2.39
N GLY A 157 15.59 18.50 1.87
CA GLY A 157 14.70 17.44 2.30
C GLY A 157 14.91 17.09 3.77
N ILE A 158 16.15 17.07 4.22
CA ILE A 158 16.49 16.79 5.62
C ILE A 158 15.92 17.89 6.54
N ARG A 159 16.08 19.14 6.12
CA ARG A 159 15.51 20.25 6.88
C ARG A 159 13.99 20.20 6.87
N MET A 160 13.39 19.78 5.76
CA MET A 160 11.96 19.61 5.72
C MET A 160 11.51 18.45 6.57
N LEU A 161 12.28 17.38 6.62
CA LEU A 161 11.95 16.27 7.50
C LEU A 161 11.92 16.67 8.99
N ASP A 162 12.85 17.52 9.41
CA ASP A 162 12.81 18.03 10.79
C ASP A 162 11.53 18.81 11.09
N VAL A 163 11.09 19.64 10.15
CA VAL A 163 9.84 20.36 10.31
C VAL A 163 8.65 19.40 10.33
N LEU A 164 8.65 18.43 9.42
CA LEU A 164 7.55 17.49 9.37
C LEU A 164 7.43 16.72 10.64
N GLU A 165 8.53 16.21 11.18
CA GLU A 165 8.43 15.50 12.44
C GLU A 165 7.78 16.37 13.54
N TYR A 166 8.21 17.63 13.65
CA TYR A 166 7.64 18.55 14.61
C TYR A 166 6.13 18.78 14.41
N ILE A 167 5.71 19.13 13.20
CA ILE A 167 4.32 19.43 12.96
C ILE A 167 3.50 18.19 13.08
N HIS A 168 4.05 17.04 12.66
CA HIS A 168 3.29 15.78 12.74
C HIS A 168 3.06 15.39 14.19
N GLU A 169 4.09 15.56 14.99
CA GLU A 169 3.97 15.28 16.41
C GLU A 169 2.94 16.19 17.11
N ASN A 170 2.73 17.38 16.53
CA ASN A 170 1.73 18.33 17.02
C ASN A 170 0.40 18.30 16.27
N GLU A 171 0.14 17.17 15.60
CA GLU A 171 -1.18 16.79 15.04
C GLU A 171 -1.46 17.38 13.65
N TYR A 172 -0.47 18.00 13.03
CA TYR A 172 -0.63 18.70 11.78
C TYR A 172 0.19 18.14 10.61
N VAL A 173 -0.43 18.22 9.44
CA VAL A 173 0.21 17.99 8.15
C VAL A 173 0.11 19.29 7.40
N HIS A 174 1.08 19.51 6.50
CA HIS A 174 1.18 20.72 5.69
C HIS A 174 0.36 20.73 4.40
N GLY A 175 0.49 19.66 3.62
CA GLY A 175 -0.24 19.52 2.36
C GLY A 175 0.23 20.24 1.10
N ASP A 176 1.23 21.10 1.23
CA ASP A 176 1.61 21.92 0.11
C ASP A 176 3.09 22.31 0.09
N ILE A 177 3.96 21.33 0.33
CA ILE A 177 5.40 21.58 0.24
C ILE A 177 5.73 21.76 -1.21
N LYS A 178 6.48 22.85 -1.49
CA LYS A 178 6.97 23.26 -2.82
C LYS A 178 7.94 24.41 -2.62
N ALA A 179 8.74 24.67 -3.64
CA ALA A 179 9.76 25.69 -3.58
C ALA A 179 9.21 27.07 -3.21
N ALA A 180 8.01 27.40 -3.71
CA ALA A 180 7.39 28.71 -3.42
C ALA A 180 7.04 28.87 -1.93
N ASN A 181 6.95 27.75 -1.21
CA ASN A 181 6.59 27.73 0.23
C ASN A 181 7.76 27.42 1.14
N LEU A 182 8.96 27.44 0.56
CA LEU A 182 10.20 27.37 1.30
C LEU A 182 10.87 28.75 1.21
N LEU A 183 11.20 29.32 2.37
CA LEU A 183 11.74 30.66 2.44
C LEU A 183 13.06 30.68 3.21
N LEU A 184 13.99 31.46 2.72
CA LEU A 184 15.21 31.71 3.47
C LEU A 184 14.91 32.62 4.64
N GLY A 185 15.71 32.52 5.69
CA GLY A 185 15.51 33.37 6.84
C GLY A 185 15.78 34.85 6.58
N TYR A 186 15.38 35.68 7.54
CA TYR A 186 15.73 37.09 7.51
C TYR A 186 16.91 37.32 8.47
N LYS A 187 16.68 37.04 9.75
CA LYS A 187 17.72 37.16 10.79
C LYS A 187 18.89 36.18 10.55
N ASN A 188 18.61 34.93 10.18
CA ASN A 188 19.65 34.13 9.52
C ASN A 188 19.19 33.80 8.10
N PRO A 189 19.71 34.54 7.12
CA PRO A 189 19.47 34.25 5.72
C PRO A 189 19.96 32.90 5.22
N ASP A 190 20.72 32.15 6.03
CA ASP A 190 21.23 30.83 5.61
C ASP A 190 20.35 29.64 6.03
N GLN A 191 19.28 29.91 6.77
CA GLN A 191 18.33 28.91 7.23
C GLN A 191 17.13 28.91 6.29
N VAL A 192 16.53 27.73 6.10
CA VAL A 192 15.34 27.59 5.26
C VAL A 192 14.13 27.26 6.14
N TYR A 193 12.99 27.87 5.79
CA TYR A 193 11.74 27.68 6.50
C TYR A 193 10.63 27.18 5.59
N LEU A 194 9.78 26.34 6.14
CA LEU A 194 8.48 25.94 5.55
C LEU A 194 7.39 26.92 6.02
N ALA A 195 6.75 27.56 5.02
CA ALA A 195 5.73 28.56 5.26
C ALA A 195 4.46 28.19 4.49
N ASP A 196 3.44 29.01 4.67
CA ASP A 196 2.11 28.85 4.07
C ASP A 196 1.37 27.58 4.47
N TYR A 197 0.75 27.67 5.62
CA TYR A 197 0.03 26.56 6.23
C TYR A 197 -1.42 26.70 5.92
N GLY A 198 -1.71 27.38 4.82
CA GLY A 198 -3.08 27.52 4.33
C GLY A 198 -3.82 26.24 3.97
N LEU A 199 -3.09 25.19 3.56
CA LEU A 199 -3.71 23.91 3.23
C LEU A 199 -3.43 22.92 4.36
N SER A 200 -2.92 23.43 5.49
CA SER A 200 -2.60 22.54 6.66
C SER A 200 -3.83 21.88 7.24
N TYR A 201 -3.63 20.72 7.83
CA TYR A 201 -4.74 19.88 8.25
C TYR A 201 -4.38 19.24 9.59
N ARG A 202 -5.30 19.31 10.55
CA ARG A 202 -5.13 18.58 11.78
C ARG A 202 -5.65 17.11 11.61
N TYR A 203 -4.71 16.19 11.42
CA TYR A 203 -4.96 14.78 11.04
C TYR A 203 -5.19 13.90 12.29
N CYS A 204 -4.73 14.37 13.44
CA CYS A 204 -4.92 13.57 14.62
C CYS A 204 -5.33 14.39 15.86
N PRO A 205 -6.49 15.06 15.79
CA PRO A 205 -6.90 15.90 16.92
C PRO A 205 -7.03 15.14 18.23
N ASN A 206 -6.31 15.60 19.24
CA ASN A 206 -6.27 14.97 20.56
C ASN A 206 -6.08 13.47 20.51
N GLY A 207 -5.22 13.04 19.61
CA GLY A 207 -4.81 11.65 19.46
C GLY A 207 -5.72 10.77 18.61
N ASN A 208 -6.76 11.35 18.01
CA ASN A 208 -7.73 10.57 17.27
C ASN A 208 -7.44 10.74 15.81
N HIS A 209 -6.75 9.73 15.24
CA HIS A 209 -6.33 9.79 13.85
C HIS A 209 -7.59 9.70 12.99
N LYS A 210 -7.63 10.49 11.92
CA LYS A 210 -8.72 10.45 10.99
C LYS A 210 -8.88 9.07 10.34
N GLN A 211 -10.11 8.72 10.01
CA GLN A 211 -10.38 7.51 9.28
C GLN A 211 -10.09 7.71 7.81
N TYR A 212 -9.91 6.59 7.11
CA TYR A 212 -9.64 6.55 5.68
C TYR A 212 -10.97 6.52 4.98
N GLN A 213 -11.25 7.58 4.21
CA GLN A 213 -12.42 7.63 3.35
C GLN A 213 -12.10 8.37 2.05
N GLU A 214 -12.16 7.67 0.92
CA GLU A 214 -12.06 8.32 -0.38
C GLU A 214 -13.29 9.18 -0.61
N ASN A 215 -13.09 10.39 -1.11
CA ASN A 215 -14.21 11.24 -1.41
C ASN A 215 -13.95 11.92 -2.73
N PRO A 216 -14.56 11.41 -3.81
CA PRO A 216 -14.24 12.07 -5.06
C PRO A 216 -14.86 13.45 -5.24
N ARG A 217 -15.77 13.87 -4.35
CA ARG A 217 -16.19 15.27 -4.35
C ARG A 217 -15.16 16.23 -3.76
N LYS A 218 -14.14 15.72 -3.07
CA LYS A 218 -13.08 16.52 -2.45
C LYS A 218 -11.74 16.12 -3.00
N GLY A 219 -11.76 15.64 -4.26
CA GLY A 219 -10.59 15.11 -4.92
C GLY A 219 -9.68 16.17 -5.50
N HIS A 220 -8.38 15.90 -5.47
CA HIS A 220 -7.37 16.63 -6.27
C HIS A 220 -7.11 18.05 -5.76
N ASN A 221 -7.24 18.27 -4.46
CA ASN A 221 -6.76 19.53 -3.88
C ASN A 221 -5.26 19.49 -3.76
N GLY A 222 -4.67 20.66 -3.56
CA GLY A 222 -3.23 20.87 -3.47
C GLY A 222 -2.65 21.41 -4.76
N THR A 223 -1.31 21.52 -4.79
CA THR A 223 -0.62 21.91 -6.01
C THR A 223 -0.47 20.65 -6.87
N ILE A 224 -1.12 20.65 -8.04
CA ILE A 224 -1.36 19.37 -8.78
C ILE A 224 -0.04 18.62 -9.05
N GLU A 225 1.01 19.37 -9.36
CA GLU A 225 2.30 18.81 -9.67
C GLU A 225 2.83 17.94 -8.52
N PHE A 226 2.60 18.36 -7.29
CA PHE A 226 3.19 17.75 -6.11
C PHE A 226 2.24 17.05 -5.16
N THR A 227 0.92 17.19 -5.36
CA THR A 227 -0.02 16.71 -4.35
C THR A 227 -0.01 15.18 -4.14
N SER A 228 -0.36 14.70 -2.96
CA SER A 228 -0.26 13.31 -2.74
C SER A 228 -1.35 12.53 -3.40
N LEU A 229 -1.14 11.22 -3.56
CA LEU A 229 -2.20 10.32 -4.00
C LEU A 229 -3.41 10.32 -3.12
N ASP A 230 -3.22 10.44 -1.80
CA ASP A 230 -4.36 10.55 -0.89
C ASP A 230 -5.12 11.82 -1.21
N ALA A 231 -4.43 12.92 -1.51
CA ALA A 231 -5.14 14.14 -1.90
C ALA A 231 -5.94 13.98 -3.23
N HIS A 232 -5.33 13.28 -4.19
CA HIS A 232 -5.94 13.00 -5.48
C HIS A 232 -7.23 12.16 -5.28
N LYS A 233 -7.20 11.24 -4.32
CA LYS A 233 -8.38 10.41 -3.99
C LYS A 233 -9.40 11.02 -3.03
N GLY A 234 -9.16 12.23 -2.52
CA GLY A 234 -10.10 12.89 -1.65
C GLY A 234 -10.04 12.39 -0.24
N VAL A 235 -8.95 11.71 0.07
CA VAL A 235 -8.72 11.14 1.40
C VAL A 235 -8.10 12.22 2.26
N ALA A 236 -8.51 12.26 3.54
CA ALA A 236 -7.97 13.26 4.48
C ALA A 236 -6.46 13.05 4.56
N LEU A 237 -5.72 14.15 4.49
CA LEU A 237 -4.26 14.10 4.52
C LEU A 237 -3.78 13.55 5.86
N SER A 238 -2.80 12.67 5.81
CA SER A 238 -2.12 12.09 6.99
C SER A 238 -0.60 12.26 6.79
N ARG A 239 0.22 11.72 7.71
CA ARG A 239 1.62 11.97 7.68
C ARG A 239 2.29 11.50 6.41
N ARG A 240 1.89 10.34 5.90
CA ARG A 240 2.58 9.82 4.70
C ARG A 240 2.49 10.78 3.53
N SER A 241 1.41 11.54 3.42
CA SER A 241 1.15 12.42 2.28
C SER A 241 2.24 13.48 2.22
N ASP A 242 2.66 13.98 3.38
CA ASP A 242 3.67 15.04 3.41
C ASP A 242 5.04 14.49 2.96
N VAL A 243 5.34 13.25 3.37
CA VAL A 243 6.61 12.62 2.98
C VAL A 243 6.62 12.37 1.48
N GLU A 244 5.48 11.88 0.98
CA GLU A 244 5.29 11.67 -0.45
C GLU A 244 5.50 12.93 -1.27
N ILE A 245 4.86 14.04 -0.86
CA ILE A 245 4.95 15.34 -1.54
C ILE A 245 6.39 15.81 -1.53
N LEU A 246 7.08 15.66 -0.40
CA LEU A 246 8.47 16.03 -0.29
C LEU A 246 9.36 15.23 -1.26
N GLY A 247 9.04 13.96 -1.46
CA GLY A 247 9.75 13.15 -2.45
C GLY A 247 9.60 13.66 -3.88
N TYR A 248 8.36 14.04 -4.24
CA TYR A 248 8.10 14.56 -5.56
C TYR A 248 8.83 15.87 -5.73
N CYS A 249 8.84 16.70 -4.68
CA CYS A 249 9.57 17.96 -4.72
C CYS A 249 11.07 17.76 -4.98
N MET A 250 11.74 16.91 -4.20
CA MET A 250 13.16 16.63 -4.42
C MET A 250 13.47 16.09 -5.80
N LEU A 251 12.64 15.18 -6.29
CA LEU A 251 12.76 14.69 -7.65
C LEU A 251 12.71 15.82 -8.66
N ARG A 252 11.73 16.70 -8.51
CA ARG A 252 11.56 17.86 -9.37
C ARG A 252 12.75 18.79 -9.28
N TRP A 253 13.22 19.03 -8.07
CA TRP A 253 14.33 19.99 -7.89
C TRP A 253 15.64 19.48 -8.52
N LEU A 254 15.85 18.17 -8.47
CA LEU A 254 17.07 17.58 -8.92
C LEU A 254 17.05 17.41 -10.42
N CYS A 255 15.91 16.97 -10.96
CA CYS A 255 15.83 16.57 -12.36
C CYS A 255 15.34 17.63 -13.33
N GLY A 256 14.66 18.67 -12.82
CA GLY A 256 14.19 19.79 -13.63
C GLY A 256 12.79 19.61 -14.17
N LYS A 257 12.15 18.49 -13.83
CA LYS A 257 10.85 18.16 -14.37
C LYS A 257 10.37 16.86 -13.75
N LEU A 258 9.07 16.60 -13.90
CA LEU A 258 8.48 15.37 -13.40
C LEU A 258 7.86 14.69 -14.62
N PRO A 259 7.71 13.36 -14.54
CA PRO A 259 7.13 12.64 -15.67
C PRO A 259 5.75 13.13 -16.14
N TRP A 260 5.01 13.77 -15.24
CA TRP A 260 3.63 14.19 -15.50
C TRP A 260 3.56 15.69 -15.84
N GLU A 261 4.72 16.28 -16.18
CA GLU A 261 4.87 17.70 -16.53
C GLU A 261 3.92 18.19 -17.63
N GLN A 262 3.68 17.35 -18.64
CA GLN A 262 2.82 17.70 -19.74
C GLN A 262 1.33 17.49 -19.44
N ASN A 263 1.02 16.88 -18.30
CA ASN A 263 -0.33 16.46 -17.94
C ASN A 263 -0.99 17.23 -16.79
N LEU A 264 -0.44 18.38 -16.43
CA LEU A 264 -0.86 19.10 -15.25
C LEU A 264 -2.31 19.63 -15.27
N LYS A 265 -2.89 19.82 -16.45
CA LYS A 265 -4.27 20.25 -16.53
C LYS A 265 -5.24 19.06 -16.43
N ASP A 266 -4.70 17.86 -16.25
CA ASP A 266 -5.52 16.65 -16.11
C ASP A 266 -5.17 15.96 -14.82
N PRO A 267 -5.85 16.33 -13.72
CA PRO A 267 -5.45 15.77 -12.43
C PRO A 267 -5.56 14.22 -12.33
N VAL A 268 -6.46 13.59 -13.08
CA VAL A 268 -6.56 12.14 -13.06
C VAL A 268 -5.32 11.50 -13.73
N ALA A 269 -4.89 12.11 -14.82
CA ALA A 269 -3.65 11.68 -15.50
C ALA A 269 -2.44 11.81 -14.59
N VAL A 270 -2.40 12.89 -13.80
CA VAL A 270 -1.34 13.10 -12.84
C VAL A 270 -1.36 12.02 -11.75
N GLN A 271 -2.56 11.75 -11.24
CA GLN A 271 -2.75 10.68 -10.27
C GLN A 271 -2.24 9.31 -10.80
N THR A 272 -2.65 8.93 -12.00
CA THR A 272 -2.24 7.64 -12.53
C THR A 272 -0.70 7.64 -12.74
N ALA A 273 -0.11 8.76 -13.18
CA ALA A 273 1.33 8.90 -13.35
C ALA A 273 2.13 8.72 -12.07
N LYS A 274 1.66 9.32 -10.99
CA LYS A 274 2.29 9.15 -9.70
C LYS A 274 2.11 7.73 -9.17
N THR A 275 0.94 7.14 -9.41
CA THR A 275 0.70 5.76 -9.01
C THR A 275 1.68 4.83 -9.74
N ASN A 276 1.85 5.04 -11.06
CA ASN A 276 2.80 4.24 -11.85
C ASN A 276 4.23 4.44 -11.35
N LEU A 277 4.59 5.67 -11.01
CA LEU A 277 5.94 5.97 -10.50
C LEU A 277 6.19 5.17 -9.22
N LEU A 278 5.22 5.17 -8.31
CA LEU A 278 5.42 4.49 -7.05
C LEU A 278 5.39 2.98 -7.21
N ASP A 279 4.52 2.50 -8.10
CA ASP A 279 4.46 1.07 -8.37
C ASP A 279 5.76 0.60 -9.07
N GLU A 280 6.47 1.49 -9.78
CA GLU A 280 7.66 1.06 -10.51
C GLU A 280 9.00 1.41 -9.84
N LEU A 281 8.93 1.69 -8.55
CA LEU A 281 10.10 1.96 -7.72
C LEU A 281 10.97 0.72 -7.52
N PRO A 282 12.29 0.93 -7.37
CA PRO A 282 13.01 2.19 -7.45
C PRO A 282 13.35 2.71 -8.88
N GLN A 283 13.24 1.85 -9.89
CA GLN A 283 13.74 2.18 -11.20
C GLN A 283 13.05 3.36 -11.86
N SER A 284 11.77 3.57 -11.58
CA SER A 284 11.07 4.71 -12.16
C SER A 284 11.81 6.00 -11.87
N VAL A 285 12.35 6.10 -10.67
CA VAL A 285 12.98 7.30 -10.20
C VAL A 285 14.44 7.27 -10.54
N LEU A 286 15.08 6.10 -10.40
CA LEU A 286 16.51 5.97 -10.72
C LEU A 286 16.83 6.39 -12.15
N LYS A 287 15.97 5.98 -13.06
CA LYS A 287 16.17 6.20 -14.48
C LYS A 287 15.90 7.65 -14.92
N TRP A 288 15.05 8.34 -14.17
CA TRP A 288 14.64 9.71 -14.48
C TRP A 288 15.78 10.75 -14.34
N ALA A 289 16.73 10.47 -13.45
CA ALA A 289 17.84 11.36 -13.12
C ALA A 289 18.77 11.60 -14.28
N PRO A 290 19.33 12.81 -14.38
CA PRO A 290 20.39 13.10 -15.33
C PRO A 290 21.71 12.47 -14.87
N SER A 291 22.66 12.26 -15.79
CA SER A 291 23.89 11.53 -15.49
C SER A 291 24.75 12.20 -14.36
N GLY A 292 24.71 13.52 -14.29
CA GLY A 292 25.44 14.24 -13.23
C GLY A 292 24.72 14.45 -11.89
N SER A 293 23.57 13.81 -11.67
CA SER A 293 22.86 13.90 -10.38
C SER A 293 21.99 12.68 -10.09
N SER A 294 22.63 11.66 -9.51
CA SER A 294 21.98 10.41 -9.09
C SER A 294 20.70 10.61 -8.23
N CYS A 295 19.70 9.74 -8.41
CA CYS A 295 18.46 9.75 -7.65
C CYS A 295 18.36 8.54 -6.68
N CYS A 296 19.51 7.96 -6.34
CA CYS A 296 19.51 6.80 -5.49
C CYS A 296 18.86 7.06 -4.11
N GLU A 297 19.23 8.19 -3.50
CA GLU A 297 18.65 8.66 -2.24
C GLU A 297 17.17 8.95 -2.37
N ILE A 298 16.76 9.66 -3.40
CA ILE A 298 15.35 9.99 -3.58
C ILE A 298 14.57 8.72 -3.89
N ALA A 299 15.15 7.79 -4.68
CA ALA A 299 14.49 6.47 -4.97
C ALA A 299 14.21 5.69 -3.65
N GLN A 300 15.22 5.51 -2.80
CA GLN A 300 15.05 4.86 -1.51
C GLN A 300 14.11 5.62 -0.57
N PHE A 301 14.14 6.96 -0.60
CA PHE A 301 13.25 7.79 0.23
C PHE A 301 11.80 7.46 -0.15
N LEU A 302 11.52 7.41 -1.44
CA LEU A 302 10.17 7.14 -1.91
C LEU A 302 9.76 5.68 -1.72
N VAL A 303 10.70 4.74 -1.79
CA VAL A 303 10.43 3.35 -1.42
C VAL A 303 9.96 3.27 0.06
N CYS A 304 10.64 3.96 0.94
CA CYS A 304 10.22 4.09 2.35
C CYS A 304 8.87 4.76 2.51
N ALA A 305 8.66 5.86 1.80
CA ALA A 305 7.42 6.61 1.92
C ALA A 305 6.27 5.74 1.49
N HIS A 306 6.47 5.01 0.39
CA HIS A 306 5.41 4.16 -0.16
C HIS A 306 5.05 2.94 0.72
N SER A 307 5.94 2.55 1.60
CA SER A 307 5.65 1.45 2.51
C SER A 307 4.73 1.88 3.66
N LEU A 308 4.44 3.16 3.81
CA LEU A 308 3.63 3.59 4.97
C LEU A 308 2.12 3.33 4.85
N ALA A 309 1.58 2.72 5.90
CA ALA A 309 0.17 2.68 6.10
C ALA A 309 -0.39 4.07 6.37
N TYR A 310 -1.69 4.19 6.20
CA TYR A 310 -2.39 5.51 6.31
C TYR A 310 -2.16 6.26 7.62
N ASP A 311 -2.15 5.51 8.72
CA ASP A 311 -1.96 6.03 10.04
C ASP A 311 -0.59 5.79 10.65
N GLU A 312 0.35 5.30 9.85
CA GLU A 312 1.67 4.97 10.29
C GLU A 312 2.57 6.19 10.44
N LYS A 313 3.32 6.18 11.55
CA LYS A 313 4.35 7.20 11.79
C LYS A 313 5.54 6.95 10.88
N PRO A 314 5.93 7.97 10.10
CA PRO A 314 7.16 7.87 9.37
C PRO A 314 8.36 7.71 10.27
N ASN A 315 9.35 6.95 9.79
CA ASN A 315 10.59 6.81 10.52
C ASN A 315 11.48 7.92 10.00
N TYR A 316 11.33 9.08 10.64
CA TYR A 316 12.01 10.32 10.25
C TYR A 316 13.53 10.16 10.26
N GLN A 317 14.07 9.47 11.28
CA GLN A 317 15.53 9.27 11.39
C GLN A 317 16.07 8.44 10.23
N ALA A 318 15.37 7.37 9.86
CA ALA A 318 15.72 6.55 8.71
C ALA A 318 15.64 7.34 7.39
N LEU A 319 14.61 8.16 7.21
CA LEU A 319 14.47 8.96 6.03
C LEU A 319 15.58 9.98 5.88
N LYS A 320 16.04 10.52 7.02
CA LYS A 320 17.11 11.52 7.02
C LYS A 320 18.44 10.87 6.72
N LYS A 321 18.62 9.66 7.23
CA LYS A 321 19.85 8.91 6.91
C LYS A 321 19.86 8.49 5.44
N ILE A 322 18.68 8.17 4.90
CA ILE A 322 18.56 7.88 3.46
C ILE A 322 19.02 9.06 2.60
N LEU A 323 18.70 10.27 3.04
CA LEU A 323 19.09 11.48 2.31
C LEU A 323 20.55 11.85 2.49
N ASN A 324 21.19 11.33 3.55
CA ASN A 324 22.59 11.63 3.86
C ASN A 324 23.31 10.32 4.21
N PRO A 325 23.42 9.40 3.23
CA PRO A 325 23.91 8.06 3.55
C PRO A 325 25.35 7.99 4.00
N HIS A 326 26.12 9.07 3.80
CA HIS A 326 27.50 9.13 4.22
C HIS A 326 27.71 10.04 5.44
N GLY A 327 26.62 10.49 6.04
CA GLY A 327 26.69 11.25 7.28
C GLY A 327 27.58 12.48 7.18
N ILE A 328 27.58 13.15 6.03
CA ILE A 328 28.28 14.42 5.85
C ILE A 328 27.55 15.53 6.64
N PRO A 329 28.28 16.26 7.52
CA PRO A 329 27.64 17.39 8.23
C PRO A 329 27.04 18.42 7.26
N LEU A 330 25.88 18.97 7.61
CA LEU A 330 25.18 19.86 6.72
C LEU A 330 25.92 21.19 6.61
N GLY A 331 26.29 21.51 5.37
CA GLY A 331 26.97 22.76 5.07
C GLY A 331 25.98 23.88 4.82
N PRO A 332 26.46 24.99 4.26
CA PRO A 332 25.58 26.06 3.80
C PRO A 332 24.77 25.65 2.57
N LEU A 333 23.57 26.20 2.43
CA LEU A 333 22.76 25.88 1.28
C LEU A 333 23.36 26.59 0.07
N ASP A 334 23.66 25.82 -0.97
CA ASP A 334 24.32 26.31 -2.16
C ASP A 334 23.26 26.61 -3.21
N PHE A 335 23.03 27.89 -3.46
CA PHE A 335 22.07 28.31 -4.49
C PHE A 335 22.84 28.96 -5.63
N SER A 336 24.11 28.61 -5.79
CA SER A 336 24.93 29.22 -6.84
C SER A 336 24.38 28.80 -8.20
N THR A 337 24.32 29.74 -9.13
CA THR A 337 23.88 29.46 -10.48
C THR A 337 25.07 29.64 -11.41
N LYS A 338 26.25 29.25 -10.94
CA LYS A 338 27.50 29.36 -11.69
C LYS A 338 27.39 28.55 -12.98
N GLY A 339 27.45 29.27 -14.11
CA GLY A 339 27.40 28.66 -15.43
C GLY A 339 26.04 28.69 -16.17
N GLN A 340 24.97 29.02 -15.47
CA GLN A 340 23.60 28.93 -16.02
C GLN A 340 23.23 30.14 -16.87
N PHE B 25 12.37 -42.25 -7.57
CA PHE B 25 11.85 -43.10 -8.69
C PHE B 25 12.57 -42.84 -10.00
N PRO B 26 12.97 -43.92 -10.70
CA PRO B 26 13.67 -43.76 -11.97
C PRO B 26 12.74 -43.33 -13.11
N GLU B 27 13.25 -42.46 -13.98
CA GLU B 27 12.56 -42.11 -15.21
C GLU B 27 12.42 -43.37 -16.06
N GLY B 28 11.25 -43.55 -16.66
CA GLY B 28 10.98 -44.77 -17.45
C GLY B 28 10.12 -45.76 -16.72
N LYS B 29 10.04 -45.63 -15.40
CA LYS B 29 9.18 -46.48 -14.58
C LYS B 29 7.74 -46.33 -15.04
N VAL B 30 7.09 -47.48 -15.28
CA VAL B 30 5.71 -47.52 -15.71
C VAL B 30 4.84 -47.72 -14.50
N LEU B 31 3.82 -46.90 -14.40
CA LEU B 31 2.83 -46.96 -13.35
C LEU B 31 1.52 -47.42 -13.96
N ASP B 32 0.79 -48.17 -13.16
CA ASP B 32 -0.51 -48.66 -13.54
C ASP B 32 -1.53 -48.03 -12.64
N ASP B 33 -2.49 -47.32 -13.22
CA ASP B 33 -3.52 -46.68 -12.41
C ASP B 33 -4.66 -47.63 -12.18
N MET B 34 -5.62 -47.26 -11.33
CA MET B 34 -6.75 -48.12 -11.04
C MET B 34 -7.65 -48.42 -12.19
N GLU B 35 -7.75 -47.50 -13.16
CA GLU B 35 -8.57 -47.72 -14.34
C GLU B 35 -7.90 -48.74 -15.26
N GLY B 36 -6.58 -48.87 -15.10
CA GLY B 36 -5.82 -49.80 -15.89
C GLY B 36 -5.01 -49.13 -16.98
N ASN B 37 -5.00 -47.80 -16.99
CA ASN B 37 -4.11 -47.06 -17.90
C ASN B 37 -2.69 -47.19 -17.38
N GLN B 38 -1.75 -47.15 -18.30
CA GLN B 38 -0.32 -47.19 -17.98
C GLN B 38 0.34 -45.86 -18.28
N TRP B 39 1.20 -45.41 -17.37
CA TRP B 39 1.88 -44.14 -17.46
C TRP B 39 3.38 -44.33 -17.28
N VAL B 40 4.19 -43.59 -18.01
CA VAL B 40 5.64 -43.67 -17.87
C VAL B 40 6.15 -42.38 -17.26
N LEU B 41 6.91 -42.53 -16.18
CA LEU B 41 7.50 -41.41 -15.44
C LEU B 41 8.56 -40.70 -16.25
N GLY B 42 8.53 -39.37 -16.22
CA GLY B 42 9.56 -38.53 -16.80
C GLY B 42 10.49 -38.00 -15.72
N LYS B 43 11.13 -36.87 -16.00
CA LYS B 43 12.01 -36.25 -15.01
C LYS B 43 11.25 -35.57 -13.85
N LYS B 44 11.85 -35.61 -12.65
CA LYS B 44 11.32 -34.88 -11.50
C LYS B 44 11.33 -33.38 -11.78
N ILE B 45 10.36 -32.66 -11.24
CA ILE B 45 10.31 -31.20 -11.32
C ILE B 45 10.41 -30.64 -9.90
N GLY B 51 6.49 -36.19 -1.42
CA GLY B 51 6.35 -34.84 -1.98
C GLY B 51 7.09 -34.61 -3.29
N LEU B 52 7.02 -35.59 -4.20
CA LEU B 52 7.64 -35.49 -5.54
C LEU B 52 6.61 -35.38 -6.68
N ILE B 53 6.94 -34.53 -7.65
CA ILE B 53 6.13 -34.35 -8.88
C ILE B 53 7.01 -34.63 -10.13
N TYR B 54 6.48 -35.45 -11.04
CA TYR B 54 7.20 -35.87 -12.24
C TYR B 54 6.38 -35.58 -13.47
N LEU B 55 7.06 -35.35 -14.59
CA LEU B 55 6.38 -35.38 -15.87
C LEU B 55 5.89 -36.82 -16.10
N ALA B 56 4.78 -36.96 -16.80
CA ALA B 56 4.21 -38.26 -17.08
C ALA B 56 3.79 -38.33 -18.54
N PHE B 57 3.99 -39.50 -19.15
CA PHE B 57 3.53 -39.75 -20.50
C PHE B 57 2.66 -41.01 -20.54
N PRO B 58 1.55 -40.96 -21.29
CA PRO B 58 0.79 -42.18 -21.50
C PRO B 58 1.61 -43.12 -22.37
N THR B 59 1.58 -44.42 -22.09
CA THR B 59 2.39 -45.39 -22.84
C THR B 59 1.88 -45.56 -24.28
N ASN B 60 0.64 -45.13 -24.52
CA ASN B 60 0.03 -45.12 -25.87
C ASN B 60 0.49 -43.96 -26.79
N LYS B 61 0.45 -42.71 -26.29
CA LYS B 61 0.82 -41.53 -27.10
C LYS B 61 2.35 -41.28 -27.07
N PRO B 62 2.85 -40.38 -27.97
CA PRO B 62 4.28 -40.02 -27.97
C PRO B 62 4.63 -38.82 -27.05
N GLU B 63 5.88 -38.78 -26.61
CA GLU B 63 6.38 -37.83 -25.59
C GLU B 63 6.19 -36.34 -25.96
N LYS B 64 6.24 -36.06 -27.25
CA LYS B 64 5.97 -34.76 -27.82
C LYS B 64 4.69 -34.18 -27.20
N ASP B 65 3.69 -35.05 -27.03
CA ASP B 65 2.38 -34.66 -26.52
C ASP B 65 2.29 -34.83 -24.98
N ALA B 66 3.25 -34.28 -24.22
CA ALA B 66 3.30 -34.49 -22.76
C ALA B 66 2.52 -33.42 -21.99
N ARG B 67 1.29 -33.75 -21.62
CA ARG B 67 0.39 -32.79 -20.99
C ARG B 67 0.00 -33.24 -19.59
N HIS B 68 0.88 -34.05 -18.96
CA HIS B 68 0.61 -34.73 -17.70
C HIS B 68 1.77 -34.66 -16.74
N VAL B 69 1.43 -34.73 -15.44
CA VAL B 69 2.44 -34.86 -14.41
C VAL B 69 1.91 -35.91 -13.50
N VAL B 70 2.80 -36.56 -12.77
CA VAL B 70 2.38 -37.51 -11.75
C VAL B 70 2.89 -37.00 -10.41
N LYS B 71 2.02 -37.00 -9.41
CA LYS B 71 2.36 -36.63 -8.04
C LYS B 71 2.49 -37.92 -7.24
N VAL B 72 3.60 -38.10 -6.51
CA VAL B 72 3.86 -39.32 -5.73
C VAL B 72 4.12 -38.92 -4.28
N GLU B 73 3.47 -39.61 -3.35
N GLU B 73 3.46 -39.61 -3.37
CA GLU B 73 3.47 -39.24 -1.92
CA GLU B 73 3.72 -39.55 -1.93
C GLU B 73 4.51 -40.03 -1.13
C GLU B 73 3.70 -41.01 -1.47
N TYR B 74 5.39 -39.32 -0.40
N TYR B 74 4.19 -41.29 -0.26
CA TYR B 74 6.39 -39.99 0.41
CA TYR B 74 4.04 -42.62 0.31
C TYR B 74 5.81 -40.49 1.73
C TYR B 74 2.55 -42.98 0.39
N GLN B 75 4.70 -39.91 2.17
N GLN B 75 2.26 -44.27 0.47
CA GLN B 75 4.15 -40.22 3.49
CA GLN B 75 0.88 -44.71 0.65
C GLN B 75 2.73 -40.77 3.40
C GLN B 75 0.36 -44.33 2.05
N GLU B 76 2.52 -41.94 4.01
N GLU B 76 -0.54 -43.35 2.10
CA GLU B 76 1.21 -42.61 3.95
CA GLU B 76 -1.19 -42.98 3.35
C GLU B 76 0.10 -41.70 4.48
C GLU B 76 -2.55 -42.31 3.13
N GLY B 78 -1.79 -39.60 3.37
CA GLY B 78 -1.47 -38.28 3.88
C GLY B 78 -2.23 -37.24 3.10
N PRO B 79 -1.61 -36.05 2.84
CA PRO B 79 -2.27 -35.02 2.00
C PRO B 79 -2.63 -35.48 0.58
N LEU B 80 -1.84 -36.37 -0.01
CA LEU B 80 -2.14 -36.79 -1.37
C LEU B 80 -3.46 -37.55 -1.43
N PHE B 81 -3.77 -38.30 -0.38
CA PHE B 81 -5.04 -39.02 -0.36
C PHE B 81 -6.20 -38.06 -0.18
N SER B 82 -6.02 -37.00 0.59
CA SER B 82 -7.03 -35.95 0.63
C SER B 82 -7.24 -35.30 -0.75
N GLU B 83 -6.15 -35.05 -1.46
CA GLU B 83 -6.20 -34.54 -2.85
C GLU B 83 -6.93 -35.51 -3.77
N LEU B 84 -6.64 -36.80 -3.61
CA LEU B 84 -7.22 -37.83 -4.45
C LEU B 84 -8.76 -37.90 -4.25
N LYS B 85 -9.20 -37.78 -3.02
CA LYS B 85 -10.64 -37.73 -2.80
C LYS B 85 -11.29 -36.50 -3.45
N PHE B 86 -10.63 -35.34 -3.39
CA PHE B 86 -11.17 -34.13 -3.99
C PHE B 86 -11.25 -34.36 -5.51
N TYR B 87 -10.12 -34.74 -6.11
CA TYR B 87 -10.06 -34.83 -7.57
C TYR B 87 -10.98 -35.87 -8.17
N GLN B 88 -11.10 -37.03 -7.52
CA GLN B 88 -11.98 -38.09 -7.98
C GLN B 88 -13.45 -37.71 -7.91
N ARG B 89 -13.81 -36.90 -6.91
CA ARG B 89 -15.17 -36.50 -6.67
C ARG B 89 -15.52 -35.25 -7.48
N VAL B 90 -14.57 -34.33 -7.65
CA VAL B 90 -14.89 -32.99 -8.14
C VAL B 90 -14.38 -32.63 -9.56
N ALA B 91 -13.17 -33.08 -9.92
CA ALA B 91 -12.50 -32.65 -11.17
C ALA B 91 -12.86 -33.54 -12.35
N LYS B 92 -14.16 -33.56 -12.65
CA LYS B 92 -14.73 -34.30 -13.75
C LYS B 92 -14.84 -33.37 -14.95
N LYS B 93 -14.16 -33.70 -16.04
CA LYS B 93 -14.08 -32.87 -17.25
C LYS B 93 -15.45 -32.46 -17.81
N ASP B 94 -16.36 -33.41 -17.89
CA ASP B 94 -17.67 -33.17 -18.51
C ASP B 94 -18.54 -32.21 -17.70
N CYS B 95 -18.58 -32.41 -16.39
CA CYS B 95 -19.33 -31.53 -15.48
C CYS B 95 -18.77 -30.12 -15.50
N ILE B 96 -17.44 -30.01 -15.41
CA ILE B 96 -16.76 -28.73 -15.51
C ILE B 96 -17.10 -27.99 -16.81
N LYS B 97 -17.04 -28.69 -17.96
CA LYS B 97 -17.40 -28.10 -19.25
C LYS B 97 -18.85 -27.57 -19.23
N LYS B 98 -19.79 -28.35 -18.71
CA LYS B 98 -21.19 -27.91 -18.66
C LYS B 98 -21.40 -26.66 -17.76
N TRP B 99 -20.62 -26.57 -16.69
CA TRP B 99 -20.65 -25.46 -15.73
C TRP B 99 -20.08 -24.19 -16.36
N ILE B 100 -18.93 -24.33 -17.02
CA ILE B 100 -18.30 -23.23 -17.72
C ILE B 100 -19.24 -22.60 -18.75
N GLU B 101 -19.96 -23.44 -19.48
CA GLU B 101 -20.88 -22.95 -20.52
C GLU B 101 -22.10 -22.26 -19.90
N ARG B 102 -22.66 -22.83 -18.82
CA ARG B 102 -23.79 -22.21 -18.13
C ARG B 102 -23.45 -20.95 -17.42
N LYS B 103 -22.29 -20.90 -16.78
CA LYS B 103 -21.89 -19.72 -15.99
C LYS B 103 -21.15 -18.67 -16.79
N GLN B 104 -21.04 -18.88 -18.11
CA GLN B 104 -20.35 -18.00 -19.07
C GLN B 104 -18.93 -17.63 -18.63
N LEU B 105 -18.17 -18.64 -18.27
CA LEU B 105 -16.78 -18.48 -17.85
C LEU B 105 -15.83 -18.72 -19.02
N ASP B 106 -14.72 -18.02 -19.10
CA ASP B 106 -13.77 -18.35 -20.15
C ASP B 106 -13.01 -19.66 -19.85
N TYR B 107 -12.83 -19.96 -18.56
CA TYR B 107 -12.26 -21.22 -18.13
C TYR B 107 -12.51 -21.40 -16.63
N LEU B 108 -12.23 -22.60 -16.15
CA LEU B 108 -12.29 -22.85 -14.73
C LEU B 108 -10.96 -23.40 -14.21
N GLY B 109 -10.39 -22.67 -13.24
CA GLY B 109 -9.06 -22.97 -12.69
C GLY B 109 -8.90 -24.16 -11.80
N ILE B 110 -9.47 -25.30 -12.22
CA ILE B 110 -9.28 -26.57 -11.54
C ILE B 110 -8.47 -27.44 -12.51
N PRO B 111 -7.32 -27.99 -12.06
CA PRO B 111 -6.57 -28.92 -12.88
C PRO B 111 -7.36 -30.23 -13.14
N LEU B 112 -7.26 -30.78 -14.34
CA LEU B 112 -7.96 -32.02 -14.63
C LEU B 112 -7.21 -33.24 -14.09
N PHE B 113 -7.97 -34.22 -13.62
CA PHE B 113 -7.47 -35.46 -13.04
C PHE B 113 -7.61 -36.56 -14.08
N TYR B 114 -6.58 -37.40 -14.18
CA TYR B 114 -6.52 -38.48 -15.16
C TYR B 114 -6.52 -39.88 -14.59
N GLY B 115 -6.11 -40.04 -13.34
CA GLY B 115 -6.08 -41.35 -12.71
C GLY B 115 -5.16 -41.40 -11.55
N SER B 116 -5.16 -42.52 -10.86
CA SER B 116 -4.35 -42.67 -9.67
C SER B 116 -4.20 -44.13 -9.31
N GLY B 117 -3.23 -44.42 -8.46
CA GLY B 117 -3.19 -45.78 -7.88
C GLY B 117 -1.99 -45.91 -7.01
N LEU B 118 -1.45 -47.13 -6.99
CA LEU B 118 -0.31 -47.47 -6.13
C LEU B 118 0.80 -48.02 -6.98
N THR B 119 2.02 -47.77 -6.55
CA THR B 119 3.19 -48.39 -7.14
C THR B 119 4.10 -48.88 -6.00
N GLU B 120 4.90 -49.91 -6.27
CA GLU B 120 5.86 -50.48 -5.30
C GLU B 120 7.28 -50.01 -5.66
N PHE B 121 8.06 -49.60 -4.64
CA PHE B 121 9.41 -49.05 -4.84
C PHE B 121 10.49 -49.98 -4.32
N LYS B 122 10.32 -50.44 -3.08
CA LYS B 122 11.11 -51.55 -2.54
C LYS B 122 10.11 -52.56 -2.00
N GLY B 123 9.94 -52.60 -0.68
CA GLY B 123 8.81 -53.27 -0.07
C GLY B 123 7.64 -52.31 0.10
N ARG B 124 7.92 -51.00 0.00
CA ARG B 124 6.94 -49.96 0.34
C ARG B 124 6.01 -49.62 -0.83
N SER B 125 4.76 -49.32 -0.50
CA SER B 125 3.76 -48.86 -1.47
C SER B 125 3.67 -47.34 -1.46
N TYR B 126 3.61 -46.77 -2.66
CA TYR B 126 3.46 -45.34 -2.84
C TYR B 126 2.18 -45.06 -3.57
N ARG B 127 1.46 -44.03 -3.14
CA ARG B 127 0.27 -43.59 -3.82
C ARG B 127 0.68 -42.57 -4.89
N PHE B 128 0.03 -42.57 -6.03
CA PHE B 128 0.32 -41.58 -7.06
C PHE B 128 -0.94 -41.09 -7.73
N MET B 129 -0.82 -39.91 -8.32
CA MET B 129 -1.95 -39.23 -8.93
C MET B 129 -1.48 -38.62 -10.22
N VAL B 130 -2.19 -38.88 -11.32
CA VAL B 130 -1.87 -38.26 -12.61
C VAL B 130 -2.83 -37.07 -12.83
N MET B 131 -2.23 -35.90 -13.00
CA MET B 131 -2.94 -34.67 -13.19
C MET B 131 -2.50 -33.95 -14.46
N GLU B 132 -3.31 -32.99 -14.88
CA GLU B 132 -2.95 -32.07 -15.94
C GLU B 132 -1.67 -31.36 -15.63
N ARG B 133 -0.89 -31.15 -16.68
CA ARG B 133 0.32 -30.40 -16.55
C ARG B 133 0.02 -28.92 -16.52
N LEU B 134 0.61 -28.24 -15.55
CA LEU B 134 0.41 -26.81 -15.37
C LEU B 134 1.78 -26.12 -15.30
N GLY B 135 1.78 -24.79 -15.26
CA GLY B 135 3.02 -24.04 -15.24
C GLY B 135 3.48 -23.61 -13.86
N ILE B 136 4.15 -22.48 -13.82
CA ILE B 136 4.80 -21.99 -12.60
C ILE B 136 3.78 -21.51 -11.55
N ASP B 137 4.15 -21.62 -10.27
CA ASP B 137 3.32 -21.08 -9.19
C ASP B 137 3.55 -19.57 -9.05
N LEU B 138 2.58 -18.91 -8.46
CA LEU B 138 2.57 -17.46 -8.32
C LEU B 138 3.50 -16.92 -7.24
N GLN B 139 3.79 -17.73 -6.23
CA GLN B 139 4.80 -17.33 -5.27
C GLN B 139 6.15 -17.15 -5.98
N LYS B 140 6.47 -18.03 -6.94
CA LYS B 140 7.74 -17.91 -7.67
C LYS B 140 7.80 -16.66 -8.55
N ILE B 141 6.65 -16.25 -9.10
CA ILE B 141 6.62 -15.15 -10.05
C ILE B 141 6.13 -13.84 -9.46
N SER B 142 6.10 -13.74 -8.12
CA SER B 142 5.57 -12.55 -7.47
C SER B 142 6.59 -11.43 -7.48
N GLY B 143 6.10 -10.18 -7.48
CA GLY B 143 6.96 -9.00 -7.44
C GLY B 143 7.50 -8.73 -6.05
N GLN B 144 8.06 -7.53 -5.88
CA GLN B 144 8.63 -7.06 -4.60
C GLN B 144 7.78 -7.45 -3.37
N ASN B 145 8.40 -8.17 -2.43
CA ASN B 145 7.74 -8.56 -1.19
C ASN B 145 6.46 -9.36 -1.42
N GLY B 146 6.50 -10.30 -2.35
CA GLY B 146 5.36 -11.18 -2.64
C GLY B 146 4.08 -10.46 -3.06
N THR B 147 4.23 -9.33 -3.75
CA THR B 147 3.09 -8.52 -4.16
C THR B 147 2.72 -8.70 -5.62
N PHE B 148 1.51 -8.28 -5.96
CA PHE B 148 1.10 -8.14 -7.34
C PHE B 148 0.39 -6.79 -7.55
N LYS B 149 0.37 -6.35 -8.81
CA LYS B 149 -0.39 -5.18 -9.19
C LYS B 149 -1.85 -5.31 -8.77
N LYS B 150 -2.47 -4.21 -8.33
CA LYS B 150 -3.85 -4.23 -7.86
C LYS B 150 -4.84 -4.88 -8.85
N SER B 151 -4.79 -4.52 -10.12
CA SER B 151 -5.69 -5.16 -11.08
C SER B 151 -5.55 -6.70 -11.05
N THR B 152 -4.31 -7.19 -10.89
CA THR B 152 -3.99 -8.61 -10.91
C THR B 152 -4.52 -9.26 -9.65
N VAL B 153 -4.35 -8.56 -8.53
CA VAL B 153 -4.86 -9.05 -7.25
C VAL B 153 -6.37 -9.27 -7.34
N LEU B 154 -7.07 -8.29 -7.89
CA LEU B 154 -8.50 -8.32 -7.98
C LEU B 154 -8.97 -9.36 -9.00
N GLN B 155 -8.30 -9.49 -10.13
CA GLN B 155 -8.62 -10.58 -11.07
C GLN B 155 -8.40 -11.98 -10.45
N LEU B 156 -7.30 -12.14 -9.70
CA LEU B 156 -6.98 -13.41 -9.08
C LEU B 156 -8.08 -13.80 -8.12
N GLY B 157 -8.59 -12.83 -7.37
CA GLY B 157 -9.66 -13.12 -6.43
C GLY B 157 -10.95 -13.53 -7.13
N ILE B 158 -11.28 -12.89 -8.25
CA ILE B 158 -12.44 -13.23 -9.08
C ILE B 158 -12.33 -14.65 -9.68
N ARG B 159 -11.14 -14.98 -10.20
CA ARG B 159 -10.89 -16.33 -10.71
C ARG B 159 -10.98 -17.35 -9.57
N MET B 160 -10.47 -17.01 -8.39
CA MET B 160 -10.60 -17.92 -7.23
C MET B 160 -12.02 -18.08 -6.77
N LEU B 161 -12.81 -17.00 -6.82
CA LEU B 161 -14.23 -17.11 -6.49
C LEU B 161 -14.98 -18.05 -7.44
N ASP B 162 -14.64 -18.03 -8.72
CA ASP B 162 -15.20 -19.01 -9.65
C ASP B 162 -14.88 -20.45 -9.22
N VAL B 163 -13.64 -20.71 -8.83
CA VAL B 163 -13.25 -22.03 -8.42
C VAL B 163 -13.95 -22.40 -7.14
N LEU B 164 -14.02 -21.46 -6.20
CA LEU B 164 -14.67 -21.71 -4.91
C LEU B 164 -16.14 -22.05 -5.10
N GLU B 165 -16.85 -21.28 -5.92
CA GLU B 165 -18.24 -21.59 -6.17
C GLU B 165 -18.43 -23.05 -6.66
N TYR B 166 -17.62 -23.47 -7.64
CA TYR B 166 -17.68 -24.82 -8.14
C TYR B 166 -17.37 -25.91 -7.06
N ILE B 167 -16.29 -25.73 -6.33
CA ILE B 167 -15.88 -26.73 -5.36
C ILE B 167 -16.88 -26.77 -4.21
N HIS B 168 -17.40 -25.61 -3.78
CA HIS B 168 -18.38 -25.56 -2.71
C HIS B 168 -19.68 -26.22 -3.16
N GLU B 169 -20.08 -26.00 -4.41
CA GLU B 169 -21.27 -26.69 -4.92
C GLU B 169 -21.09 -28.21 -4.89
N ASN B 170 -19.84 -28.65 -5.01
CA ASN B 170 -19.51 -30.06 -4.99
C ASN B 170 -19.03 -30.55 -3.64
N GLU B 171 -19.40 -29.81 -2.59
CA GLU B 171 -19.29 -30.28 -1.21
C GLU B 171 -17.94 -30.11 -0.55
N TYR B 172 -17.02 -29.43 -1.23
CA TYR B 172 -15.63 -29.28 -0.81
C TYR B 172 -15.24 -27.87 -0.55
N VAL B 173 -14.33 -27.72 0.43
CA VAL B 173 -13.60 -26.50 0.71
C VAL B 173 -12.14 -26.83 0.55
N HIS B 174 -11.34 -25.82 0.20
CA HIS B 174 -9.92 -25.95 -0.08
C HIS B 174 -9.01 -25.90 1.14
N GLY B 175 -9.17 -24.88 1.98
CA GLY B 175 -8.39 -24.75 3.19
C GLY B 175 -7.01 -24.17 3.13
N ASP B 176 -6.49 -23.91 1.93
CA ASP B 176 -5.09 -23.51 1.81
C ASP B 176 -4.79 -22.62 0.60
N ILE B 177 -5.65 -21.66 0.33
CA ILE B 177 -5.41 -20.71 -0.75
C ILE B 177 -4.20 -19.84 -0.37
N LYS B 178 -3.26 -19.73 -1.32
CA LYS B 178 -2.03 -18.95 -1.17
C LYS B 178 -1.31 -18.92 -2.52
N ALA B 179 -0.38 -18.01 -2.69
CA ALA B 179 0.33 -17.85 -3.94
C ALA B 179 1.00 -19.13 -4.37
N ALA B 180 1.56 -19.88 -3.43
CA ALA B 180 2.29 -21.12 -3.76
C ALA B 180 1.39 -22.19 -4.36
N ASN B 181 0.08 -22.07 -4.16
CA ASN B 181 -0.91 -23.01 -4.66
C ASN B 181 -1.76 -22.50 -5.81
N LEU B 182 -1.35 -21.36 -6.37
CA LEU B 182 -1.89 -20.84 -7.60
C LEU B 182 -0.84 -21.02 -8.69
N LEU B 183 -1.24 -21.68 -9.77
CA LEU B 183 -0.35 -22.04 -10.82
C LEU B 183 -0.87 -21.50 -12.14
N LEU B 184 0.04 -21.00 -12.97
CA LEU B 184 -0.30 -20.65 -14.34
C LEU B 184 -0.48 -21.89 -15.15
N GLY B 185 -1.29 -21.79 -16.19
CA GLY B 185 -1.53 -22.93 -17.07
C GLY B 185 -0.32 -23.35 -17.88
N TYR B 186 -0.40 -24.55 -18.44
CA TYR B 186 0.62 -25.00 -19.36
C TYR B 186 0.10 -24.76 -20.77
N LYS B 187 -1.01 -25.42 -21.12
CA LYS B 187 -1.62 -25.27 -22.46
C LYS B 187 -2.10 -23.83 -22.69
N ASN B 188 -2.73 -23.20 -21.71
CA ASN B 188 -2.85 -21.73 -21.72
C ASN B 188 -2.10 -21.17 -20.52
N PRO B 189 -0.86 -20.72 -20.75
CA PRO B 189 -0.06 -20.05 -19.72
C PRO B 189 -0.68 -18.79 -19.12
N ASP B 190 -1.74 -18.25 -19.73
CA ASP B 190 -2.38 -17.01 -19.25
C ASP B 190 -3.53 -17.24 -18.26
N GLN B 191 -3.87 -18.52 -18.04
CA GLN B 191 -4.92 -18.92 -17.12
C GLN B 191 -4.28 -19.32 -15.80
N VAL B 192 -4.98 -19.03 -14.70
CA VAL B 192 -4.53 -19.38 -13.33
C VAL B 192 -5.39 -20.52 -12.72
N TYR B 193 -4.70 -21.44 -12.06
CA TYR B 193 -5.36 -22.58 -11.44
C TYR B 193 -5.09 -22.66 -9.96
N LEU B 194 -6.11 -23.10 -9.22
CA LEU B 194 -5.98 -23.47 -7.80
C LEU B 194 -5.63 -24.93 -7.69
N ALA B 195 -4.47 -25.20 -7.07
CA ALA B 195 -3.92 -26.53 -6.96
C ALA B 195 -3.67 -26.84 -5.48
N ASP B 196 -3.18 -28.04 -5.23
CA ASP B 196 -2.92 -28.57 -3.88
C ASP B 196 -4.13 -28.62 -2.97
N TYR B 197 -4.88 -29.68 -3.14
CA TYR B 197 -6.11 -29.90 -2.39
C TYR B 197 -5.82 -30.78 -1.19
N GLY B 198 -4.57 -30.76 -0.73
CA GLY B 198 -4.15 -31.58 0.41
C GLY B 198 -4.73 -31.30 1.76
N LEU B 199 -5.27 -30.10 1.91
CA LEU B 199 -5.98 -29.73 3.12
C LEU B 199 -7.46 -29.59 2.85
N SER B 200 -7.93 -30.11 1.71
CA SER B 200 -9.32 -29.93 1.29
C SER B 200 -10.20 -30.75 2.21
N TYR B 201 -11.45 -30.33 2.34
CA TYR B 201 -12.33 -30.94 3.28
C TYR B 201 -13.74 -31.01 2.71
N ARG B 202 -14.36 -32.18 2.86
CA ARG B 202 -15.75 -32.33 2.50
C ARG B 202 -16.69 -31.86 3.63
N TYR B 203 -17.18 -30.64 3.49
CA TYR B 203 -17.95 -29.90 4.55
C TYR B 203 -19.47 -30.26 4.57
N CYS B 204 -19.97 -30.80 3.46
CA CYS B 204 -21.36 -31.09 3.33
C CYS B 204 -21.61 -32.39 2.56
N PRO B 205 -21.11 -33.51 3.10
CA PRO B 205 -21.30 -34.79 2.42
C PRO B 205 -22.76 -35.17 2.25
N ASN B 206 -23.13 -35.42 1.00
CA ASN B 206 -24.49 -35.71 0.60
C ASN B 206 -25.52 -34.78 1.25
N GLY B 207 -25.17 -33.50 1.25
CA GLY B 207 -26.06 -32.45 1.69
C GLY B 207 -26.08 -32.18 3.17
N ASN B 208 -25.33 -32.97 3.95
CA ASN B 208 -25.35 -32.87 5.42
C ASN B 208 -24.18 -32.02 5.87
N HIS B 209 -24.46 -30.74 6.16
CA HIS B 209 -23.44 -29.78 6.51
C HIS B 209 -22.90 -30.16 7.87
N LYS B 210 -21.59 -30.01 8.05
CA LYS B 210 -20.98 -30.35 9.35
C LYS B 210 -21.51 -29.42 10.43
N GLN B 211 -21.58 -29.94 11.65
CA GLN B 211 -21.88 -29.14 12.83
C GLN B 211 -20.70 -28.28 13.23
N TYR B 212 -21.04 -27.24 13.98
CA TYR B 212 -20.03 -26.35 14.55
C TYR B 212 -19.58 -26.93 15.86
N GLN B 213 -18.29 -27.27 15.94
CA GLN B 213 -17.68 -27.73 17.18
C GLN B 213 -16.23 -27.25 17.25
N GLU B 214 -15.92 -26.41 18.24
CA GLU B 214 -14.55 -25.98 18.47
C GLU B 214 -13.78 -27.15 19.06
N ASN B 215 -12.59 -27.39 18.58
CA ASN B 215 -11.78 -28.47 19.08
C ASN B 215 -10.36 -28.03 19.18
N PRO B 216 -9.90 -27.68 20.39
CA PRO B 216 -8.56 -27.12 20.44
C PRO B 216 -7.46 -28.14 20.20
N ARG B 217 -7.81 -29.43 20.21
CA ARG B 217 -6.83 -30.48 19.86
C ARG B 217 -6.55 -30.56 18.36
N LYS B 218 -7.39 -29.92 17.56
CA LYS B 218 -7.25 -29.84 16.12
C LYS B 218 -7.10 -28.40 15.67
N GLY B 219 -6.61 -27.55 16.58
CA GLY B 219 -6.54 -26.13 16.37
C GLY B 219 -5.35 -25.73 15.50
N HIS B 220 -5.53 -24.66 14.74
CA HIS B 220 -4.45 -23.98 14.03
C HIS B 220 -3.78 -24.78 12.90
N ASN B 221 -4.55 -25.60 12.20
CA ASN B 221 -4.02 -26.15 10.96
C ASN B 221 -4.10 -25.15 9.83
N GLY B 222 -3.37 -25.43 8.75
CA GLY B 222 -3.36 -24.55 7.57
C GLY B 222 -2.03 -23.79 7.54
N THR B 223 -1.88 -22.90 6.55
CA THR B 223 -0.74 -22.01 6.48
C THR B 223 -1.08 -20.85 7.41
N ILE B 224 -0.28 -20.72 8.46
CA ILE B 224 -0.69 -19.89 9.62
C ILE B 224 -1.01 -18.46 9.25
N GLU B 225 -0.28 -17.93 8.27
CA GLU B 225 -0.44 -16.57 7.78
C GLU B 225 -1.86 -16.30 7.23
N PHE B 226 -2.40 -17.29 6.55
CA PHE B 226 -3.66 -17.15 5.86
C PHE B 226 -4.82 -17.97 6.42
N THR B 227 -4.58 -18.88 7.35
CA THR B 227 -5.64 -19.81 7.71
C THR B 227 -6.85 -19.10 8.34
N SER B 228 -8.03 -19.68 8.24
CA SER B 228 -9.18 -19.02 8.81
C SER B 228 -9.25 -19.08 10.33
N LEU B 229 -10.05 -18.17 10.87
CA LEU B 229 -10.42 -18.24 12.26
C LEU B 229 -11.06 -19.55 12.68
N ASP B 230 -11.95 -20.13 11.87
CA ASP B 230 -12.54 -21.44 12.19
C ASP B 230 -11.41 -22.47 12.27
N ALA B 231 -10.42 -22.40 11.36
CA ALA B 231 -9.28 -23.28 11.44
C ALA B 231 -8.48 -23.07 12.74
N HIS B 232 -8.20 -21.81 13.10
CA HIS B 232 -7.56 -21.51 14.39
C HIS B 232 -8.31 -22.12 15.59
N LYS B 233 -9.65 -22.07 15.53
CA LYS B 233 -10.49 -22.60 16.60
C LYS B 233 -10.72 -24.12 16.57
N GLY B 234 -10.19 -24.83 15.60
CA GLY B 234 -10.39 -26.26 15.48
C GLY B 234 -11.77 -26.64 14.97
N VAL B 235 -12.46 -25.67 14.38
CA VAL B 235 -13.80 -25.86 13.81
C VAL B 235 -13.61 -26.42 12.41
N ALA B 236 -14.48 -27.36 12.03
CA ALA B 236 -14.42 -27.93 10.68
C ALA B 236 -14.60 -26.82 9.62
N LEU B 237 -13.79 -26.83 8.56
CA LEU B 237 -13.81 -25.78 7.57
C LEU B 237 -15.15 -25.84 6.83
N SER B 238 -15.75 -24.68 6.66
CA SER B 238 -16.94 -24.53 5.86
C SER B 238 -16.68 -23.44 4.82
N ARG B 239 -17.72 -23.10 4.06
CA ARG B 239 -17.51 -22.22 2.92
C ARG B 239 -16.95 -20.86 3.29
N ARG B 240 -17.42 -20.30 4.40
CA ARG B 240 -16.98 -18.97 4.75
C ARG B 240 -15.46 -18.90 4.97
N SER B 241 -14.85 -20.00 5.41
CA SER B 241 -13.42 -20.05 5.71
C SER B 241 -12.61 -19.82 4.44
N ASP B 242 -13.06 -20.36 3.32
CA ASP B 242 -12.32 -20.12 2.10
C ASP B 242 -12.35 -18.66 1.63
N VAL B 243 -13.52 -18.03 1.79
CA VAL B 243 -13.73 -16.65 1.34
C VAL B 243 -12.82 -15.77 2.21
N GLU B 244 -12.81 -16.06 3.50
CA GLU B 244 -11.91 -15.39 4.46
C GLU B 244 -10.43 -15.48 4.12
N ILE B 245 -9.96 -16.70 3.84
CA ILE B 245 -8.56 -16.97 3.45
C ILE B 245 -8.22 -16.19 2.19
N LEU B 246 -9.15 -16.21 1.23
CA LEU B 246 -8.93 -15.49 0.00
C LEU B 246 -8.78 -13.96 0.28
N GLY B 247 -9.56 -13.42 1.23
CA GLY B 247 -9.45 -12.01 1.63
C GLY B 247 -8.06 -11.68 2.21
N TYR B 248 -7.58 -12.54 3.09
CA TYR B 248 -6.26 -12.36 3.65
C TYR B 248 -5.16 -12.43 2.59
N CYS B 249 -5.33 -13.32 1.60
CA CYS B 249 -4.39 -13.43 0.53
C CYS B 249 -4.37 -12.18 -0.28
N MET B 250 -5.55 -11.70 -0.69
CA MET B 250 -5.59 -10.49 -1.53
C MET B 250 -4.98 -9.31 -0.78
N LEU B 251 -5.25 -9.21 0.53
CA LEU B 251 -4.64 -8.14 1.33
C LEU B 251 -3.11 -8.25 1.32
N ARG B 252 -2.62 -9.46 1.48
CA ARG B 252 -1.19 -9.73 1.46
C ARG B 252 -0.54 -9.38 0.13
N TRP B 253 -1.20 -9.79 -0.95
CA TRP B 253 -0.68 -9.62 -2.29
C TRP B 253 -0.63 -8.14 -2.68
N LEU B 254 -1.54 -7.33 -2.14
CA LEU B 254 -1.60 -5.95 -2.52
C LEU B 254 -0.66 -5.14 -1.66
N CYS B 255 -0.61 -5.46 -0.38
CA CYS B 255 0.10 -4.63 0.60
C CYS B 255 1.53 -5.07 0.93
N GLY B 256 1.87 -6.31 0.64
CA GLY B 256 3.24 -6.81 0.83
C GLY B 256 3.49 -7.43 2.20
N LYS B 257 2.46 -7.46 3.03
CA LYS B 257 2.60 -7.93 4.40
C LYS B 257 1.25 -7.89 5.06
N LEU B 258 1.14 -8.61 6.17
CA LEU B 258 -0.09 -8.65 6.92
C LEU B 258 0.26 -8.13 8.31
N PRO B 259 -0.75 -7.59 9.05
CA PRO B 259 -0.44 -7.06 10.39
C PRO B 259 0.22 -8.05 11.35
N TRP B 260 0.03 -9.33 11.10
CA TRP B 260 0.49 -10.38 12.02
C TRP B 260 1.77 -11.03 11.49
N GLU B 261 2.45 -10.32 10.58
CA GLU B 261 3.70 -10.76 9.94
C GLU B 261 4.80 -11.13 10.93
N GLN B 262 4.92 -10.37 12.00
CA GLN B 262 5.93 -10.62 13.01
C GLN B 262 5.57 -11.72 14.03
N ASN B 263 4.32 -12.20 13.99
CA ASN B 263 3.75 -13.11 14.99
C ASN B 263 3.50 -14.55 14.51
N LEU B 264 4.05 -14.89 13.37
CA LEU B 264 3.74 -16.14 12.70
C LEU B 264 4.10 -17.41 13.46
N LYS B 265 5.05 -17.35 14.38
CA LYS B 265 5.40 -18.50 15.19
C LYS B 265 4.47 -18.65 16.38
N ASP B 266 3.50 -17.77 16.51
CA ASP B 266 2.55 -17.80 17.63
C ASP B 266 1.14 -17.84 17.05
N PRO B 267 0.60 -19.05 16.78
CA PRO B 267 -0.69 -19.12 16.16
C PRO B 267 -1.83 -18.45 16.94
N VAL B 268 -1.77 -18.42 18.27
CA VAL B 268 -2.83 -17.77 19.02
C VAL B 268 -2.78 -16.27 18.81
N ALA B 269 -1.57 -15.71 18.73
CA ALA B 269 -1.40 -14.27 18.44
C ALA B 269 -1.90 -13.92 17.04
N VAL B 270 -1.69 -14.83 16.11
CA VAL B 270 -2.19 -14.68 14.76
C VAL B 270 -3.73 -14.64 14.78
N GLN B 271 -4.32 -15.59 15.52
CA GLN B 271 -5.75 -15.69 15.66
C GLN B 271 -6.36 -14.42 16.20
N THR B 272 -5.78 -13.90 17.28
CA THR B 272 -6.31 -12.69 17.89
C THR B 272 -6.12 -11.47 16.94
N ALA B 273 -5.02 -11.42 16.19
CA ALA B 273 -4.79 -10.36 15.22
C ALA B 273 -5.80 -10.37 14.11
N LYS B 274 -6.16 -11.57 13.61
CA LYS B 274 -7.19 -11.69 12.60
C LYS B 274 -8.57 -11.34 13.11
N THR B 275 -8.86 -11.76 14.33
CA THR B 275 -10.13 -11.41 14.97
C THR B 275 -10.26 -9.89 15.11
N ASN B 276 -9.19 -9.22 15.55
CA ASN B 276 -9.17 -7.77 15.65
C ASN B 276 -9.34 -7.10 14.28
N LEU B 277 -8.70 -7.64 13.24
CA LEU B 277 -8.82 -7.07 11.89
C LEU B 277 -10.28 -7.10 11.45
N LEU B 278 -10.94 -8.23 11.67
CA LEU B 278 -12.30 -8.41 11.22
C LEU B 278 -13.27 -7.58 12.05
N ASP B 279 -13.00 -7.51 13.36
CA ASP B 279 -13.80 -6.68 14.25
C ASP B 279 -13.66 -5.19 13.94
N GLU B 280 -12.54 -4.77 13.34
CA GLU B 280 -12.30 -3.36 13.08
C GLU B 280 -12.47 -2.95 11.61
N LEU B 281 -13.21 -3.78 10.88
CA LEU B 281 -13.56 -3.50 9.50
C LEU B 281 -14.55 -2.36 9.42
N PRO B 282 -14.52 -1.59 8.30
CA PRO B 282 -13.55 -1.72 7.20
C PRO B 282 -12.19 -1.03 7.43
N GLN B 283 -12.09 -0.14 8.43
CA GLN B 283 -10.91 0.72 8.56
C GLN B 283 -9.62 -0.03 8.81
N SER B 284 -9.68 -1.18 9.47
CA SER B 284 -8.49 -1.99 9.70
C SER B 284 -7.79 -2.32 8.38
N VAL B 285 -8.58 -2.58 7.35
CA VAL B 285 -8.05 -2.97 6.05
C VAL B 285 -7.78 -1.73 5.21
N LEU B 286 -8.69 -0.76 5.25
CA LEU B 286 -8.57 0.45 4.45
C LEU B 286 -7.28 1.17 4.77
N LYS B 287 -6.90 1.16 6.04
CA LYS B 287 -5.74 1.93 6.50
C LYS B 287 -4.41 1.25 6.21
N TRP B 288 -4.45 -0.07 6.08
CA TRP B 288 -3.27 -0.91 5.89
C TRP B 288 -2.60 -0.72 4.53
N ALA B 289 -3.41 -0.35 3.54
CA ALA B 289 -2.99 -0.21 2.14
C ALA B 289 -2.03 0.92 1.92
N PRO B 290 -1.08 0.72 1.01
CA PRO B 290 -0.23 1.80 0.56
C PRO B 290 -1.04 2.80 -0.29
N SER B 291 -0.52 4.02 -0.43
CA SER B 291 -1.22 5.13 -1.08
C SER B 291 -1.54 4.86 -2.57
N GLY B 292 -0.63 4.16 -3.24
CA GLY B 292 -0.83 3.77 -4.65
C GLY B 292 -1.62 2.48 -4.92
N SER B 293 -2.25 1.89 -3.90
CA SER B 293 -3.08 0.70 -4.09
C SER B 293 -4.19 0.55 -3.03
N SER B 294 -5.29 1.26 -3.25
CA SER B 294 -6.48 1.23 -2.38
C SER B 294 -6.99 -0.19 -2.03
N CYS B 295 -7.47 -0.35 -0.78
CA CYS B 295 -8.05 -1.59 -0.31
C CYS B 295 -9.58 -1.53 -0.13
N CYS B 296 -10.22 -0.57 -0.82
CA CYS B 296 -11.65 -0.42 -0.71
C CYS B 296 -12.39 -1.73 -1.06
N GLU B 297 -12.00 -2.36 -2.18
CA GLU B 297 -12.61 -3.59 -2.64
C GLU B 297 -12.36 -4.73 -1.67
N ILE B 298 -11.13 -4.88 -1.20
CA ILE B 298 -10.82 -5.95 -0.30
C ILE B 298 -11.47 -5.74 1.08
N ALA B 299 -11.55 -4.48 1.55
CA ALA B 299 -12.31 -4.13 2.80
C ALA B 299 -13.81 -4.58 2.71
N GLN B 300 -14.51 -4.20 1.63
CA GLN B 300 -15.88 -4.60 1.43
C GLN B 300 -16.03 -6.11 1.27
N PHE B 301 -15.08 -6.76 0.59
CA PHE B 301 -15.05 -8.20 0.39
C PHE B 301 -15.00 -8.88 1.75
N LEU B 302 -14.13 -8.40 2.63
CA LEU B 302 -14.01 -9.02 3.96
C LEU B 302 -15.17 -8.65 4.90
N VAL B 303 -15.80 -7.48 4.71
CA VAL B 303 -17.04 -7.16 5.44
C VAL B 303 -18.12 -8.23 5.07
N CYS B 304 -18.24 -8.51 3.79
CA CYS B 304 -19.17 -9.56 3.32
C CYS B 304 -18.83 -10.93 3.88
N ALA B 305 -17.55 -11.28 3.83
CA ALA B 305 -17.09 -12.58 4.29
C ALA B 305 -17.40 -12.72 5.76
N HIS B 306 -17.17 -11.65 6.51
CA HIS B 306 -17.40 -11.68 7.95
C HIS B 306 -18.90 -11.76 8.35
N SER B 307 -19.80 -11.37 7.47
CA SER B 307 -21.22 -11.45 7.78
C SER B 307 -21.77 -12.88 7.70
N LEU B 308 -20.97 -13.83 7.23
CA LEU B 308 -21.49 -15.16 6.95
C LEU B 308 -21.60 -16.05 8.19
N ALA B 309 -22.78 -16.66 8.33
CA ALA B 309 -22.99 -17.72 9.26
C ALA B 309 -22.17 -18.94 8.86
N TYR B 310 -21.95 -19.84 9.81
CA TYR B 310 -21.10 -21.03 9.61
C TYR B 310 -21.56 -21.94 8.47
N ASP B 311 -22.88 -22.04 8.27
CA ASP B 311 -23.44 -22.84 7.22
C ASP B 311 -23.97 -22.09 6.01
N GLU B 312 -23.71 -20.79 5.94
CA GLU B 312 -24.28 -19.91 4.96
C GLU B 312 -23.54 -20.00 3.64
N LYS B 313 -24.31 -20.06 2.56
CA LYS B 313 -23.72 -19.94 1.22
C LYS B 313 -23.23 -18.52 0.95
N PRO B 314 -21.95 -18.38 0.58
CA PRO B 314 -21.51 -17.09 0.10
C PRO B 314 -22.26 -16.61 -1.12
N ASN B 315 -22.40 -15.29 -1.24
CA ASN B 315 -23.00 -14.69 -2.44
C ASN B 315 -21.86 -14.37 -3.39
N TYR B 316 -21.48 -15.39 -4.17
CA TYR B 316 -20.32 -15.33 -5.05
C TYR B 316 -20.45 -14.23 -6.07
N GLN B 317 -21.64 -14.02 -6.60
CA GLN B 317 -21.87 -12.93 -7.57
C GLN B 317 -21.64 -11.55 -6.93
N ALA B 318 -22.17 -11.33 -5.73
CA ALA B 318 -21.92 -10.10 -4.99
C ALA B 318 -20.44 -9.88 -4.70
N LEU B 319 -19.75 -10.93 -4.25
CA LEU B 319 -18.33 -10.84 -3.98
C LEU B 319 -17.47 -10.55 -5.21
N LYS B 320 -17.87 -11.07 -6.38
CA LYS B 320 -17.16 -10.81 -7.61
C LYS B 320 -17.40 -9.39 -8.06
N LYS B 321 -18.60 -8.87 -7.84
CA LYS B 321 -18.92 -7.49 -8.20
C LYS B 321 -18.17 -6.54 -7.28
N ILE B 322 -18.01 -6.93 -6.03
CA ILE B 322 -17.20 -6.16 -5.07
C ILE B 322 -15.76 -6.02 -5.50
N LEU B 323 -15.19 -7.07 -6.09
CA LEU B 323 -13.82 -7.02 -6.60
C LEU B 323 -13.68 -6.28 -7.92
N ASN B 324 -14.78 -6.11 -8.67
CA ASN B 324 -14.78 -5.41 -9.96
C ASN B 324 -15.92 -4.40 -10.00
N PRO B 325 -15.89 -3.40 -9.13
CA PRO B 325 -17.06 -2.54 -8.98
C PRO B 325 -17.41 -1.69 -10.22
N HIS B 326 -16.49 -1.63 -11.19
CA HIS B 326 -16.71 -0.89 -12.43
C HIS B 326 -16.90 -1.81 -13.63
N GLY B 327 -17.06 -3.10 -13.38
CA GLY B 327 -17.42 -4.06 -14.42
C GLY B 327 -16.47 -4.08 -15.59
N ILE B 328 -15.19 -3.83 -15.33
CA ILE B 328 -14.15 -3.92 -16.35
C ILE B 328 -13.95 -5.36 -16.80
N PRO B 329 -14.01 -5.62 -18.12
CA PRO B 329 -13.71 -6.98 -18.57
C PRO B 329 -12.30 -7.43 -18.13
N LEU B 330 -12.16 -8.70 -17.76
CA LEU B 330 -10.90 -9.20 -17.23
C LEU B 330 -9.90 -9.30 -18.35
N GLY B 331 -8.78 -8.59 -18.18
CA GLY B 331 -7.68 -8.62 -19.14
C GLY B 331 -6.73 -9.76 -18.85
N PRO B 332 -5.53 -9.71 -19.46
CA PRO B 332 -4.46 -10.66 -19.14
C PRO B 332 -3.89 -10.37 -17.75
N LEU B 333 -3.43 -11.42 -17.07
CA LEU B 333 -2.85 -11.27 -15.75
C LEU B 333 -1.47 -10.63 -15.88
N ASP B 334 -1.31 -9.49 -15.22
CA ASP B 334 -0.12 -8.69 -15.33
C ASP B 334 0.81 -9.08 -14.20
N PHE B 335 1.91 -9.75 -14.54
CA PHE B 335 2.92 -10.12 -13.55
C PHE B 335 4.20 -9.34 -13.82
N SER B 336 4.09 -8.20 -14.51
CA SER B 336 5.27 -7.40 -14.84
C SER B 336 5.91 -6.90 -13.55
N THR B 337 7.24 -6.95 -13.51
CA THR B 337 7.99 -6.45 -12.37
C THR B 337 8.79 -5.24 -12.83
N LYS B 338 8.19 -4.45 -13.75
CA LYS B 338 8.83 -3.25 -14.32
C LYS B 338 9.16 -2.28 -13.17
N GLY B 339 10.46 -2.03 -13.02
CA GLY B 339 10.95 -1.10 -12.02
C GLY B 339 11.48 -1.69 -10.72
N GLN B 340 11.21 -2.98 -10.46
CA GLN B 340 11.53 -3.60 -9.15
C GLN B 340 12.99 -4.01 -9.01
MG MG C . -14.74 18.62 -5.66
C1 SIN D . -10.39 35.20 16.31
O1 SIN D . -9.20 35.35 15.97
O2 SIN D . -11.28 35.39 15.48
C2 SIN D . -10.81 34.76 17.69
C3 SIN D . -10.11 33.45 17.97
C4 SIN D . -10.08 33.24 19.45
O3 SIN D . -9.04 33.55 20.12
O4 SIN D . -11.10 32.72 19.98
C1 EDO E . 16.20 15.15 -16.48
O1 EDO E . 17.55 15.60 -16.32
C2 EDO E . 16.22 13.79 -17.15
O2 EDO E . 14.87 13.30 -17.17
C1 EDO F . -2.63 20.72 17.99
O1 EDO F . -1.31 21.28 17.82
C2 EDO F . -3.19 21.22 19.32
O2 EDO F . -2.54 20.50 20.39
C1 EDO G . 1.58 -0.70 3.82
O1 EDO G . 1.30 -1.38 5.05
C2 EDO G . 2.64 -1.51 3.08
O2 EDO G . 2.63 -1.11 1.70
#